data_8BDP
#
_entry.id   8BDP
#
_cell.length_a   66.832
_cell.length_b   60.785
_cell.length_c   74.223
_cell.angle_alpha   90.000
_cell.angle_beta   107.905
_cell.angle_gamma   90.000
#
_symmetry.space_group_name_H-M   'P 1 21 1'
#
loop_
_entity.id
_entity.type
_entity.pdbx_description
1 polymer Beta-N-acetylhexosaminidase
2 non-polymer 'CHLORIDE ION'
3 water water
#
_entity_poly.entity_id   1
_entity_poly.type   'polypeptide(L)'
_entity_poly.pdbx_seq_one_letter_code
;MQEIALTPQPAHLTVKDGRFEFGNQLKAKVTPYQGDSIRMVFESFKKELQEATGIKVSSTQKEAKARIILDLNPQLPAEA
YKLNVSKKQVRIEASRPAGFYYALQTLKQLMPRNVMAGVATSDHSQWSLPSVEIEDAPRFEWRGFMLDEGRHFFGKDEIK
RVIDMMAIYKMNRFHWHLTEDQGWRIEIKKYPKLTETGAWRNSKVLAYGDVKPDGERYGGFYTQKDIKEIVAYAKKKFIE
IIPEIDIPGHSQAAVAAYPEFLACDPRDKHEVWLQQGISTDVINVANPKAMQFAKEVIDELTELFPFNYIHLGGDECPTR
KWQKNDECKKLLSEIGSSNFRDLQIYFYKQLKDYIATKPADQQRQLIFWNEVLHGNTSILGNDITIMAWIGANAAAKQAA
KQGMNTILSPQIPYYINRKQSKLPTEPMSQGHGTETVEAVYNYQPLKDVDAALQPYYKGVQANFWTEWVTEPSVLEYLML
PRLAAVAEAGWTPQEKRNYEDFKERIRKDAELYDLKGWNYGKHIMKLEHHHHHH
;
_entity_poly.pdbx_strand_id   A
#
loop_
_chem_comp.id
_chem_comp.type
_chem_comp.name
_chem_comp.formula
CL non-polymer 'CHLORIDE ION' 'Cl -1'
#
# COMPACT_ATOMS: atom_id res chain seq x y z
N GLU A 3 -17.78 15.75 18.71
CA GLU A 3 -17.22 14.91 19.80
C GLU A 3 -16.69 13.61 19.20
N ILE A 4 -17.58 12.82 18.56
CA ILE A 4 -17.16 11.54 17.98
C ILE A 4 -16.70 11.80 16.54
N ALA A 5 -15.50 11.33 16.19
CA ALA A 5 -14.96 11.51 14.86
C ALA A 5 -14.17 10.26 14.47
N LEU A 6 -14.82 9.35 13.70
CA LEU A 6 -14.23 8.08 13.32
C LEU A 6 -13.98 8.10 11.82
N THR A 7 -12.73 7.75 11.46
CA THR A 7 -12.31 7.74 10.07
C THR A 7 -11.40 6.53 9.87
N PRO A 8 -11.77 5.54 9.04
CA PRO A 8 -12.99 5.52 8.25
C PRO A 8 -14.29 5.43 9.06
N GLN A 9 -15.35 6.09 8.54
CA GLN A 9 -16.66 6.01 9.16
C GLN A 9 -17.07 4.54 9.22
N PRO A 10 -17.51 4.03 10.38
CA PRO A 10 -18.00 2.66 10.45
C PRO A 10 -19.29 2.44 9.66
N ALA A 11 -19.52 1.19 9.24
CA ALA A 11 -20.74 0.82 8.55
C ALA A 11 -22.00 1.18 9.36
N HIS A 12 -21.96 0.98 10.70
CA HIS A 12 -23.08 1.18 11.60
C HIS A 12 -22.58 1.77 12.92
N LEU A 13 -23.15 2.93 13.32
CA LEU A 13 -22.82 3.57 14.59
C LEU A 13 -24.12 4.06 15.21
N THR A 14 -24.38 3.65 16.43
CA THR A 14 -25.46 4.20 17.24
C THR A 14 -24.85 4.80 18.50
N VAL A 15 -25.17 6.06 18.79
CA VAL A 15 -24.65 6.72 19.98
C VAL A 15 -25.68 6.50 21.09
N LYS A 16 -25.20 6.13 22.29
CA LYS A 16 -26.02 5.78 23.43
C LYS A 16 -25.68 6.73 24.58
N ASP A 17 -26.50 6.71 25.63
CA ASP A 17 -26.32 7.61 26.76
C ASP A 17 -25.18 7.12 27.64
N GLY A 18 -24.52 8.06 28.29
CA GLY A 18 -23.49 7.71 29.24
C GLY A 18 -22.15 7.51 28.58
N ARG A 19 -21.18 7.18 29.45
CA ARG A 19 -19.79 6.99 29.06
C ARG A 19 -19.25 5.83 29.85
N PHE A 20 -18.26 5.17 29.26
CA PHE A 20 -17.42 4.20 29.93
C PHE A 20 -16.18 4.92 30.46
N GLU A 21 -15.92 4.76 31.77
CA GLU A 21 -14.75 5.33 32.41
C GLU A 21 -13.72 4.25 32.73
N PHE A 22 -12.44 4.53 32.46
CA PHE A 22 -11.42 3.47 32.58
C PHE A 22 -10.94 3.22 34.04
N GLY A 23 -10.75 4.31 34.78
CA GLY A 23 -9.87 4.30 35.95
C GLY A 23 -8.41 4.09 35.54
N ASN A 24 -7.53 3.87 36.52
CA ASN A 24 -6.09 3.66 36.32
C ASN A 24 -5.80 2.19 36.02
N GLN A 25 -6.70 1.30 36.48
CA GLN A 25 -6.48 -0.14 36.33
C GLN A 25 -7.82 -0.81 36.09
N LEU A 26 -7.84 -1.86 35.24
CA LEU A 26 -9.07 -2.60 35.00
C LEU A 26 -8.72 -3.98 34.41
N LYS A 27 -9.68 -4.90 34.45
CA LYS A 27 -9.45 -6.25 33.99
C LYS A 27 -10.10 -6.48 32.62
N ALA A 28 -9.44 -7.28 31.80
CA ALA A 28 -9.97 -7.71 30.51
C ALA A 28 -9.97 -9.23 30.39
N LYS A 29 -11.00 -9.74 29.73
CA LYS A 29 -11.11 -11.13 29.35
C LYS A 29 -11.00 -11.23 27.83
N VAL A 30 -10.05 -12.04 27.35
CA VAL A 30 -9.78 -12.10 25.92
C VAL A 30 -9.81 -13.55 25.43
N THR A 31 -10.56 -13.79 24.34
CA THR A 31 -10.65 -15.15 23.78
C THR A 31 -9.26 -15.73 23.50
N PRO A 32 -9.06 -17.06 23.76
CA PRO A 32 -7.81 -17.75 23.39
C PRO A 32 -7.69 -18.21 21.94
N TYR A 33 -8.71 -17.90 21.14
CA TYR A 33 -8.82 -18.29 19.74
C TYR A 33 -7.47 -18.27 19.03
N GLN A 34 -7.21 -19.32 18.23
CA GLN A 34 -6.04 -19.40 17.37
C GLN A 34 -4.78 -19.19 18.19
N GLY A 35 -4.56 -20.07 19.17
CA GLY A 35 -3.28 -20.10 19.85
C GLY A 35 -2.92 -18.77 20.54
N ASP A 36 -3.91 -18.14 21.18
CA ASP A 36 -3.70 -16.88 21.90
C ASP A 36 -3.33 -15.70 21.00
N SER A 37 -3.62 -15.79 19.69
CA SER A 37 -3.27 -14.72 18.76
C SER A 37 -3.95 -13.41 19.16
N ILE A 38 -5.20 -13.54 19.65
CA ILE A 38 -5.99 -12.34 19.99
C ILE A 38 -5.43 -11.73 21.27
N ARG A 39 -4.99 -12.59 22.18
CA ARG A 39 -4.34 -12.09 23.40
C ARG A 39 -3.07 -11.32 23.03
N MET A 40 -2.32 -11.79 22.00
CA MET A 40 -1.13 -11.09 21.52
C MET A 40 -1.49 -9.71 20.92
N VAL A 41 -2.56 -9.66 20.12
CA VAL A 41 -3.04 -8.37 19.57
C VAL A 41 -3.38 -7.45 20.72
N PHE A 42 -4.10 -7.98 21.71
CA PHE A 42 -4.55 -7.19 22.86
C PHE A 42 -3.37 -6.69 23.69
N GLU A 43 -2.31 -7.50 23.82
CA GLU A 43 -1.14 -7.08 24.56
C GLU A 43 -0.46 -5.88 23.92
N SER A 44 -0.41 -5.84 22.59
N SER A 44 -0.43 -5.84 22.58
CA SER A 44 0.15 -4.72 21.85
CA SER A 44 0.16 -4.73 21.84
C SER A 44 -0.69 -3.46 22.11
C SER A 44 -0.68 -3.46 22.05
N PHE A 45 -2.01 -3.63 22.03
CA PHE A 45 -2.93 -2.54 22.34
C PHE A 45 -2.70 -2.02 23.76
N LYS A 46 -2.58 -2.93 24.75
CA LYS A 46 -2.35 -2.53 26.14
C LYS A 46 -1.11 -1.68 26.28
N LYS A 47 -0.04 -2.04 25.57
CA LYS A 47 1.20 -1.26 25.65
C LYS A 47 0.99 0.16 25.13
N GLU A 48 0.30 0.27 23.99
CA GLU A 48 -0.01 1.57 23.40
C GLU A 48 -0.85 2.41 24.34
N LEU A 49 -1.84 1.76 24.93
CA LEU A 49 -2.79 2.48 25.78
C LEU A 49 -2.04 3.03 26.98
N GLN A 50 -1.18 2.21 27.58
CA GLN A 50 -0.47 2.63 28.78
C GLN A 50 0.47 3.80 28.46
N GLU A 51 1.19 3.73 27.34
CA GLU A 51 2.09 4.78 26.88
C GLU A 51 1.32 6.11 26.80
N ALA A 52 0.09 6.08 26.25
CA ALA A 52 -0.63 7.30 25.94
C ALA A 52 -1.43 7.84 27.14
N THR A 53 -1.82 6.95 28.08
CA THR A 53 -2.77 7.29 29.13
C THR A 53 -2.32 6.93 30.55
N GLY A 54 -1.38 5.97 30.68
CA GLY A 54 -1.01 5.45 31.98
C GLY A 54 -1.92 4.31 32.46
N ILE A 55 -3.01 4.01 31.73
CA ILE A 55 -3.95 2.98 32.14
C ILE A 55 -3.28 1.61 32.02
N LYS A 56 -3.49 0.80 33.06
CA LYS A 56 -2.99 -0.57 33.14
C LYS A 56 -4.16 -1.54 33.09
N VAL A 57 -4.02 -2.56 32.24
CA VAL A 57 -5.03 -3.58 32.08
C VAL A 57 -4.44 -4.92 32.50
N SER A 58 -5.20 -5.67 33.31
CA SER A 58 -4.80 -7.01 33.73
C SER A 58 -5.81 -8.02 33.19
N SER A 59 -5.51 -9.30 33.39
CA SER A 59 -6.27 -10.38 32.78
C SER A 59 -7.29 -10.95 33.77
N THR A 60 -8.45 -11.39 33.29
CA THR A 60 -9.39 -12.20 34.05
C THR A 60 -10.06 -13.24 33.14
N GLN A 61 -10.46 -14.39 33.75
CA GLN A 61 -11.24 -15.40 33.06
C GLN A 61 -12.73 -15.24 33.38
N LYS A 62 -13.08 -14.31 34.29
CA LYS A 62 -14.44 -14.21 34.77
C LYS A 62 -15.13 -13.04 34.08
N GLU A 63 -16.18 -13.38 33.30
CA GLU A 63 -16.93 -12.37 32.58
C GLU A 63 -17.39 -11.28 33.56
N ALA A 64 -17.78 -11.67 34.79
CA ALA A 64 -18.36 -10.70 35.71
C ALA A 64 -17.34 -9.67 36.17
N LYS A 65 -16.05 -9.98 36.08
CA LYS A 65 -15.01 -9.05 36.50
C LYS A 65 -14.40 -8.28 35.33
N ALA A 66 -14.83 -8.61 34.09
CA ALA A 66 -14.20 -8.07 32.90
C ALA A 66 -14.87 -6.76 32.53
N ARG A 67 -14.11 -5.67 32.56
CA ARG A 67 -14.62 -4.41 32.08
C ARG A 67 -14.38 -4.22 30.58
N ILE A 68 -13.44 -4.99 30.02
CA ILE A 68 -13.24 -5.11 28.58
C ILE A 68 -13.29 -6.60 28.27
N ILE A 69 -14.07 -7.00 27.24
CA ILE A 69 -14.18 -8.40 26.84
C ILE A 69 -14.08 -8.49 25.33
N LEU A 70 -13.17 -9.39 24.86
CA LEU A 70 -13.01 -9.70 23.43
C LEU A 70 -13.47 -11.14 23.23
N ASP A 71 -14.59 -11.30 22.53
CA ASP A 71 -15.24 -12.57 22.28
C ASP A 71 -15.15 -12.95 20.81
N LEU A 72 -15.04 -14.27 20.58
CA LEU A 72 -15.04 -14.82 19.23
C LEU A 72 -16.48 -14.92 18.72
N ASN A 73 -16.71 -14.41 17.54
CA ASN A 73 -17.97 -14.53 16.82
C ASN A 73 -17.61 -14.99 15.41
N PRO A 74 -17.61 -16.31 15.13
CA PRO A 74 -17.11 -16.81 13.85
C PRO A 74 -17.94 -16.45 12.62
N GLN A 75 -19.14 -15.92 12.85
CA GLN A 75 -20.05 -15.57 11.77
C GLN A 75 -19.61 -14.23 11.13
N LEU A 76 -18.78 -13.43 11.81
CA LEU A 76 -18.36 -12.15 11.23
C LEU A 76 -17.33 -12.32 10.11
N PRO A 77 -17.38 -11.46 9.06
CA PRO A 77 -16.31 -11.41 8.06
C PRO A 77 -14.91 -11.19 8.64
N ALA A 78 -13.88 -11.48 7.81
CA ALA A 78 -12.49 -11.62 8.23
C ALA A 78 -11.86 -10.35 8.81
N GLU A 79 -12.43 -9.15 8.51
CA GLU A 79 -11.91 -7.91 9.06
C GLU A 79 -12.99 -7.13 9.81
N ALA A 80 -14.13 -7.79 10.05
CA ALA A 80 -15.29 -7.18 10.69
C ALA A 80 -15.23 -7.30 12.21
N TYR A 81 -15.97 -6.41 12.86
CA TYR A 81 -16.06 -6.44 14.31
C TYR A 81 -17.37 -5.80 14.76
N LYS A 82 -17.72 -6.13 15.98
CA LYS A 82 -18.69 -5.37 16.76
C LYS A 82 -17.98 -4.76 17.96
N LEU A 83 -18.32 -3.48 18.25
CA LEU A 83 -17.76 -2.76 19.41
C LEU A 83 -18.93 -2.09 20.13
N ASN A 84 -19.21 -2.60 21.33
CA ASN A 84 -20.32 -2.13 22.16
C ASN A 84 -19.72 -1.54 23.43
N VAL A 85 -19.89 -0.23 23.61
CA VAL A 85 -19.38 0.48 24.78
C VAL A 85 -20.60 0.92 25.60
N SER A 86 -20.67 0.44 26.83
CA SER A 86 -21.67 0.88 27.80
C SER A 86 -20.96 1.38 29.05
N LYS A 87 -21.73 1.89 30.01
CA LYS A 87 -21.15 2.39 31.25
C LYS A 87 -20.38 1.29 31.96
N LYS A 88 -20.86 0.05 31.82
CA LYS A 88 -20.34 -1.07 32.60
C LYS A 88 -19.22 -1.82 31.88
N GLN A 89 -19.18 -1.81 30.54
CA GLN A 89 -18.30 -2.75 29.86
C GLN A 89 -18.05 -2.31 28.44
N VAL A 90 -16.82 -2.60 27.97
CA VAL A 90 -16.50 -2.57 26.55
C VAL A 90 -16.54 -4.02 26.05
N ARG A 91 -17.39 -4.29 25.05
CA ARG A 91 -17.51 -5.65 24.51
C ARG A 91 -17.18 -5.62 23.02
N ILE A 92 -16.20 -6.43 22.63
CA ILE A 92 -15.77 -6.58 21.25
C ILE A 92 -16.02 -8.02 20.78
N GLU A 93 -16.52 -8.13 19.55
CA GLU A 93 -16.66 -9.42 18.87
C GLU A 93 -15.98 -9.33 17.51
N ALA A 94 -15.33 -10.43 17.12
CA ALA A 94 -14.71 -10.53 15.80
C ALA A 94 -14.43 -12.01 15.52
N SER A 95 -14.09 -12.32 14.26
CA SER A 95 -13.84 -13.71 13.87
C SER A 95 -12.35 -14.00 13.65
N ARG A 96 -11.52 -12.97 13.46
CA ARG A 96 -10.14 -13.15 13.03
C ARG A 96 -9.28 -12.09 13.69
N PRO A 97 -7.96 -12.29 13.85
CA PRO A 97 -7.09 -11.28 14.49
C PRO A 97 -7.31 -9.85 13.94
N ALA A 98 -7.39 -9.66 12.62
CA ALA A 98 -7.52 -8.34 12.01
C ALA A 98 -8.80 -7.66 12.51
N GLY A 99 -9.89 -8.41 12.68
CA GLY A 99 -11.15 -7.86 13.15
C GLY A 99 -11.01 -7.27 14.55
N PHE A 100 -10.36 -8.01 15.43
CA PHE A 100 -10.13 -7.56 16.81
C PHE A 100 -9.22 -6.35 16.80
N TYR A 101 -8.17 -6.37 15.97
CA TYR A 101 -7.24 -5.25 15.86
C TYR A 101 -7.98 -3.99 15.38
N TYR A 102 -8.87 -4.09 14.42
CA TYR A 102 -9.61 -2.94 13.90
C TYR A 102 -10.61 -2.43 14.94
N ALA A 103 -11.24 -3.32 15.71
CA ALA A 103 -12.13 -2.91 16.81
C ALA A 103 -11.32 -2.05 17.78
N LEU A 104 -10.09 -2.44 18.09
CA LEU A 104 -9.25 -1.70 19.00
C LEU A 104 -8.75 -0.38 18.39
N GLN A 105 -8.56 -0.31 17.06
CA GLN A 105 -8.24 0.92 16.36
C GLN A 105 -9.39 1.90 16.56
N THR A 106 -10.62 1.43 16.37
CA THR A 106 -11.81 2.30 16.50
C THR A 106 -11.96 2.72 17.96
N LEU A 107 -11.69 1.82 18.91
CA LEU A 107 -11.72 2.17 20.32
C LEU A 107 -10.73 3.31 20.60
N LYS A 108 -9.49 3.20 20.14
CA LYS A 108 -8.51 4.27 20.33
C LYS A 108 -9.05 5.57 19.73
N GLN A 109 -9.66 5.48 18.54
CA GLN A 109 -10.09 6.67 17.82
C GLN A 109 -11.25 7.39 18.51
N LEU A 110 -11.99 6.70 19.39
CA LEU A 110 -13.04 7.28 20.23
C LEU A 110 -12.46 8.09 21.39
N MET A 111 -11.17 7.92 21.66
CA MET A 111 -10.53 8.62 22.75
C MET A 111 -9.91 9.91 22.19
N PRO A 112 -9.47 10.85 23.06
CA PRO A 112 -8.71 12.01 22.58
C PRO A 112 -7.59 11.60 21.63
N ARG A 113 -7.29 12.47 20.65
CA ARG A 113 -6.37 12.18 19.55
C ARG A 113 -4.96 11.77 20.00
N ASN A 114 -4.52 12.09 21.22
CA ASN A 114 -3.19 11.68 21.67
C ASN A 114 -3.11 10.14 21.77
N VAL A 115 -4.26 9.47 22.02
CA VAL A 115 -4.25 8.01 22.16
C VAL A 115 -3.91 7.36 20.82
N MET A 116 -4.63 7.72 19.77
CA MET A 116 -4.29 7.25 18.44
C MET A 116 -2.85 7.66 18.05
N ALA A 117 -2.39 8.83 18.48
CA ALA A 117 -1.05 9.32 18.16
C ALA A 117 0.04 8.51 18.89
N GLY A 118 -0.34 7.83 19.98
CA GLY A 118 0.60 7.14 20.86
C GLY A 118 1.52 8.06 21.67
N VAL A 119 0.98 9.21 22.11
CA VAL A 119 1.73 10.23 22.84
C VAL A 119 1.00 10.54 24.14
N ALA A 120 1.73 10.60 25.28
CA ALA A 120 1.15 11.05 26.54
C ALA A 120 0.93 12.55 26.52
N THR A 121 -0.02 13.03 27.35
CA THR A 121 -0.33 14.45 27.48
C THR A 121 0.48 15.08 28.60
N SER A 122 0.81 16.36 28.44
CA SER A 122 1.69 17.05 29.38
C SER A 122 1.01 17.12 30.74
N ASP A 123 -0.30 17.45 30.73
CA ASP A 123 -1.07 17.61 31.96
C ASP A 123 -1.79 16.32 32.29
N HIS A 124 -2.32 16.25 33.54
CA HIS A 124 -3.09 15.10 34.00
C HIS A 124 -4.50 15.12 33.42
N SER A 125 -4.90 13.99 32.79
CA SER A 125 -6.13 13.82 32.05
C SER A 125 -6.99 12.72 32.69
N GLN A 126 -8.31 12.80 32.41
CA GLN A 126 -9.31 11.80 32.77
C GLN A 126 -9.64 11.04 31.49
N TRP A 127 -9.89 9.72 31.56
CA TRP A 127 -10.06 8.92 30.35
C TRP A 127 -11.40 8.20 30.34
N SER A 128 -12.07 8.27 29.18
CA SER A 128 -13.40 7.70 29.03
C SER A 128 -13.66 7.44 27.55
N LEU A 129 -14.72 6.67 27.29
CA LEU A 129 -15.27 6.43 25.95
C LEU A 129 -16.73 6.86 25.98
N PRO A 130 -17.27 7.39 24.86
CA PRO A 130 -18.72 7.52 24.71
C PRO A 130 -19.37 6.15 24.59
N SER A 131 -20.56 6.00 25.16
N SER A 131 -20.59 6.04 25.10
CA SER A 131 -21.33 4.78 24.95
CA SER A 131 -21.35 4.83 24.94
C SER A 131 -21.78 4.73 23.49
C SER A 131 -21.84 4.72 23.50
N VAL A 132 -21.54 3.61 22.80
CA VAL A 132 -21.85 3.46 21.39
C VAL A 132 -22.12 1.99 21.12
N GLU A 133 -22.86 1.74 20.03
CA GLU A 133 -22.89 0.41 19.44
C GLU A 133 -22.44 0.53 18.00
N ILE A 134 -21.33 -0.16 17.68
CA ILE A 134 -20.75 -0.12 16.36
C ILE A 134 -20.75 -1.54 15.79
N GLU A 135 -21.18 -1.67 14.53
CA GLU A 135 -20.98 -2.88 13.73
C GLU A 135 -20.27 -2.41 12.46
N ASP A 136 -19.14 -3.03 12.17
CA ASP A 136 -18.28 -2.51 11.13
C ASP A 136 -17.60 -3.66 10.36
N ALA A 137 -17.34 -3.37 9.10
CA ALA A 137 -16.63 -4.25 8.19
C ALA A 137 -16.24 -3.44 6.97
N PRO A 138 -15.07 -3.76 6.36
CA PRO A 138 -14.64 -3.04 5.19
C PRO A 138 -15.39 -3.48 3.94
N ARG A 139 -15.66 -2.49 3.10
CA ARG A 139 -16.28 -2.71 1.81
C ARG A 139 -15.35 -3.52 0.91
N PHE A 140 -14.06 -3.20 0.97
CA PHE A 140 -13.04 -3.82 0.12
C PHE A 140 -11.96 -4.48 0.96
N GLU A 141 -11.45 -5.61 0.45
CA GLU A 141 -10.40 -6.34 1.14
C GLU A 141 -8.99 -5.79 0.88
N TRP A 142 -8.84 -5.01 -0.18
CA TRP A 142 -7.58 -4.39 -0.55
C TRP A 142 -7.71 -2.86 -0.39
N ARG A 143 -6.99 -2.31 0.60
CA ARG A 143 -7.05 -0.87 0.85
C ARG A 143 -5.61 -0.37 0.95
N GLY A 144 -5.11 0.12 -0.18
CA GLY A 144 -3.68 0.22 -0.40
C GLY A 144 -3.12 1.64 -0.53
N PHE A 145 -1.81 1.69 -0.39
CA PHE A 145 -0.97 2.83 -0.69
C PHE A 145 0.30 2.30 -1.35
N MET A 146 0.71 2.90 -2.46
CA MET A 146 1.96 2.62 -3.15
C MET A 146 2.91 3.80 -3.03
N LEU A 147 4.16 3.55 -2.62
CA LEU A 147 5.20 4.57 -2.69
C LEU A 147 6.29 4.14 -3.69
N ASP A 148 6.59 5.03 -4.62
CA ASP A 148 7.74 5.02 -5.49
C ASP A 148 8.97 5.51 -4.75
N GLU A 149 9.91 4.56 -4.50
CA GLU A 149 11.21 4.93 -3.95
C GLU A 149 12.31 4.87 -5.02
N GLY A 150 11.93 4.48 -6.24
CA GLY A 150 12.94 4.47 -7.28
C GLY A 150 13.32 5.88 -7.72
N ARG A 151 12.32 6.76 -7.92
CA ARG A 151 12.64 8.13 -8.36
C ARG A 151 13.39 8.89 -7.26
N HIS A 152 12.86 8.89 -6.04
CA HIS A 152 13.58 9.40 -4.88
C HIS A 152 13.39 8.41 -3.74
N PHE A 153 14.47 8.27 -2.96
CA PHE A 153 14.57 7.32 -1.86
C PHE A 153 14.32 8.05 -0.54
N PHE A 154 13.43 7.48 0.30
CA PHE A 154 13.06 8.08 1.57
C PHE A 154 13.63 7.34 2.77
N GLY A 155 13.67 6.00 2.72
CA GLY A 155 14.37 5.28 3.77
C GLY A 155 13.45 4.79 4.89
N LYS A 156 14.03 4.04 5.82
CA LYS A 156 13.31 3.20 6.76
C LYS A 156 12.44 4.03 7.73
N ASP A 157 13.05 5.10 8.27
CA ASP A 157 12.33 5.90 9.25
C ASP A 157 11.10 6.53 8.61
N GLU A 158 11.23 7.02 7.37
CA GLU A 158 10.09 7.66 6.69
C GLU A 158 9.05 6.61 6.30
N ILE A 159 9.52 5.42 5.89
CA ILE A 159 8.54 4.40 5.51
C ILE A 159 7.78 3.91 6.75
N LYS A 160 8.43 3.87 7.93
CA LYS A 160 7.68 3.56 9.13
C LYS A 160 6.60 4.62 9.40
N ARG A 161 6.92 5.90 9.14
CA ARG A 161 5.90 6.93 9.30
C ARG A 161 4.75 6.75 8.31
N VAL A 162 5.06 6.33 7.07
CA VAL A 162 4.05 6.02 6.08
C VAL A 162 3.11 4.90 6.59
N ILE A 163 3.73 3.82 7.10
CA ILE A 163 2.97 2.72 7.67
C ILE A 163 2.07 3.22 8.81
N ASP A 164 2.62 4.11 9.67
CA ASP A 164 1.87 4.66 10.77
C ASP A 164 0.63 5.43 10.28
N MET A 165 0.81 6.22 9.21
CA MET A 165 -0.31 6.97 8.63
C MET A 165 -1.39 6.04 8.08
N MET A 166 -0.95 5.06 7.29
CA MET A 166 -1.88 4.07 6.77
C MET A 166 -2.67 3.40 7.89
N ALA A 167 -1.95 3.01 8.98
CA ALA A 167 -2.60 2.25 10.03
C ALA A 167 -3.72 3.03 10.72
N ILE A 168 -3.56 4.37 10.83
CA ILE A 168 -4.58 5.19 11.48
C ILE A 168 -5.95 4.91 10.83
N TYR A 169 -5.93 4.79 9.50
CA TYR A 169 -7.13 4.75 8.68
C TYR A 169 -7.48 3.35 8.18
N LYS A 170 -6.89 2.32 8.83
CA LYS A 170 -7.24 0.93 8.58
C LYS A 170 -6.86 0.45 7.17
N MET A 171 -5.90 1.11 6.52
CA MET A 171 -5.34 0.61 5.28
C MET A 171 -4.53 -0.64 5.62
N ASN A 172 -4.50 -1.60 4.67
CA ASN A 172 -3.91 -2.91 4.93
C ASN A 172 -2.93 -3.39 3.87
N ARG A 173 -2.60 -2.63 2.85
CA ARG A 173 -1.71 -3.03 1.78
C ARG A 173 -0.75 -1.92 1.42
N PHE A 174 0.55 -2.18 1.62
CA PHE A 174 1.61 -1.27 1.25
C PHE A 174 2.30 -1.86 0.03
N HIS A 175 2.20 -1.18 -1.10
CA HIS A 175 2.79 -1.54 -2.36
C HIS A 175 4.08 -0.76 -2.52
N TRP A 176 5.21 -1.50 -2.51
CA TRP A 176 6.52 -0.91 -2.46
C TRP A 176 7.14 -0.92 -3.85
N HIS A 177 7.12 0.22 -4.52
CA HIS A 177 7.63 0.41 -5.86
C HIS A 177 9.12 0.73 -5.75
N LEU A 178 9.93 -0.36 -5.74
CA LEU A 178 11.32 -0.34 -5.32
C LEU A 178 12.32 -0.19 -6.47
N THR A 179 11.86 -0.39 -7.71
CA THR A 179 12.77 -0.49 -8.86
C THR A 179 12.25 0.33 -10.05
N GLU A 180 13.18 1.04 -10.72
CA GLU A 180 12.85 2.01 -11.74
C GLU A 180 14.02 2.25 -12.69
N ASP A 181 13.78 3.12 -13.68
CA ASP A 181 14.81 3.61 -14.55
C ASP A 181 15.91 4.37 -13.80
N GLN A 182 15.48 5.03 -12.72
CA GLN A 182 16.31 6.00 -12.02
C GLN A 182 16.86 5.45 -10.72
N GLY A 183 16.56 4.18 -10.40
CA GLY A 183 17.14 3.59 -9.21
C GLY A 183 16.55 2.22 -8.88
N TRP A 184 17.37 1.40 -8.22
CA TRP A 184 17.00 0.10 -7.68
C TRP A 184 17.31 0.11 -6.18
N ARG A 185 16.30 -0.20 -5.34
CA ARG A 185 16.37 0.16 -3.92
C ARG A 185 16.35 -1.04 -2.96
N ILE A 186 16.51 -2.28 -3.49
CA ILE A 186 16.45 -3.47 -2.65
C ILE A 186 17.66 -4.39 -2.92
N GLU A 187 18.42 -4.67 -1.86
CA GLU A 187 19.56 -5.58 -1.93
C GLU A 187 19.11 -6.95 -2.40
N ILE A 188 19.79 -7.47 -3.46
CA ILE A 188 19.66 -8.83 -3.95
C ILE A 188 21.05 -9.44 -3.85
N LYS A 189 21.18 -10.45 -3.01
CA LYS A 189 22.49 -11.05 -2.68
C LYS A 189 23.20 -11.62 -3.91
N LYS A 190 22.47 -12.24 -4.84
CA LYS A 190 23.06 -12.85 -6.02
C LYS A 190 23.45 -11.80 -7.06
N TYR A 191 22.92 -10.57 -6.96
CA TYR A 191 23.18 -9.53 -7.94
C TYR A 191 23.54 -8.25 -7.21
N PRO A 192 24.74 -8.18 -6.60
CA PRO A 192 25.11 -7.03 -5.76
C PRO A 192 25.18 -5.69 -6.49
N LYS A 193 25.40 -5.71 -7.81
CA LYS A 193 25.53 -4.46 -8.54
C LYS A 193 24.18 -3.77 -8.67
N LEU A 194 23.07 -4.46 -8.46
CA LEU A 194 21.76 -3.78 -8.49
C LEU A 194 21.76 -2.61 -7.52
N THR A 195 22.35 -2.79 -6.34
CA THR A 195 22.44 -1.68 -5.39
C THR A 195 23.78 -0.94 -5.50
N GLU A 196 24.85 -1.57 -5.94
CA GLU A 196 26.12 -0.85 -5.92
C GLU A 196 26.16 0.16 -7.06
N THR A 197 25.67 -0.24 -8.23
CA THR A 197 25.51 0.62 -9.39
C THR A 197 24.13 1.27 -9.38
N GLY A 198 23.10 0.45 -9.18
CA GLY A 198 21.73 0.90 -9.43
C GLY A 198 21.14 1.80 -8.33
N ALA A 199 21.75 1.82 -7.12
CA ALA A 199 21.19 2.59 -6.00
C ALA A 199 21.81 3.98 -5.84
N TRP A 200 22.75 4.33 -6.75
CA TRP A 200 23.42 5.61 -6.74
C TRP A 200 23.44 6.17 -8.17
N ARG A 201 23.33 7.50 -8.25
CA ARG A 201 23.34 8.19 -9.52
C ARG A 201 23.85 9.61 -9.30
N ASN A 202 24.20 10.28 -10.41
CA ASN A 202 24.85 11.59 -10.34
C ASN A 202 23.85 12.73 -10.55
N SER A 203 22.67 12.56 -9.97
CA SER A 203 21.77 13.70 -9.80
C SER A 203 20.77 13.42 -8.71
N LYS A 204 20.41 14.44 -7.92
CA LYS A 204 19.29 14.34 -7.01
C LYS A 204 17.99 14.62 -7.75
N VAL A 205 17.90 15.81 -8.37
CA VAL A 205 16.73 16.11 -9.19
C VAL A 205 16.74 15.19 -10.39
N LEU A 206 15.52 14.92 -10.91
CA LEU A 206 15.38 14.23 -12.18
C LEU A 206 15.04 15.27 -13.24
N ALA A 207 15.84 15.31 -14.30
CA ALA A 207 15.79 16.33 -15.32
C ALA A 207 14.46 16.27 -16.08
N TYR A 208 13.96 17.45 -16.42
CA TYR A 208 12.67 17.64 -17.07
C TYR A 208 12.58 19.11 -17.45
N GLY A 209 12.26 19.38 -18.72
CA GLY A 209 12.09 20.75 -19.19
C GLY A 209 13.36 21.56 -18.98
N ASP A 210 13.30 22.55 -18.09
CA ASP A 210 14.41 23.44 -17.86
C ASP A 210 15.25 22.95 -16.68
N VAL A 211 14.76 21.98 -15.90
CA VAL A 211 15.57 21.40 -14.82
C VAL A 211 16.56 20.38 -15.42
N LYS A 212 17.87 20.62 -15.18
CA LYS A 212 18.93 19.73 -15.66
C LYS A 212 19.48 18.93 -14.48
N PRO A 213 20.20 17.81 -14.73
CA PRO A 213 20.83 17.05 -13.66
C PRO A 213 21.76 17.96 -12.84
N ASP A 214 21.85 17.68 -11.54
CA ASP A 214 22.53 18.60 -10.64
C ASP A 214 23.90 18.08 -10.19
N GLY A 215 24.32 16.90 -10.65
CA GLY A 215 25.67 16.43 -10.38
C GLY A 215 25.82 15.78 -9.00
N GLU A 216 24.79 15.88 -8.14
CA GLU A 216 24.87 15.35 -6.79
C GLU A 216 24.87 13.82 -6.82
N ARG A 217 25.83 13.22 -6.09
CA ARG A 217 25.85 11.79 -5.86
C ARG A 217 24.72 11.48 -4.89
N TYR A 218 23.65 10.88 -5.42
CA TYR A 218 22.39 10.72 -4.74
C TYR A 218 21.89 9.29 -4.77
N GLY A 219 21.32 8.81 -3.65
CA GLY A 219 20.64 7.53 -3.66
C GLY A 219 20.47 6.91 -2.28
N GLY A 220 20.57 5.59 -2.25
CA GLY A 220 20.24 4.81 -1.08
C GLY A 220 19.50 3.54 -1.48
N PHE A 221 19.46 2.63 -0.52
CA PHE A 221 18.78 1.36 -0.71
C PHE A 221 18.53 0.73 0.65
N TYR A 222 17.73 -0.34 0.62
CA TYR A 222 17.46 -1.16 1.78
C TYR A 222 18.28 -2.46 1.72
N THR A 223 18.96 -2.77 2.81
CA THR A 223 19.51 -4.12 2.97
C THR A 223 18.37 -5.10 3.21
N GLN A 224 18.63 -6.40 3.08
CA GLN A 224 17.61 -7.40 3.36
C GLN A 224 17.19 -7.30 4.84
N LYS A 225 18.15 -7.03 5.73
CA LYS A 225 17.84 -6.81 7.14
C LYS A 225 16.81 -5.66 7.30
N ASP A 226 17.05 -4.57 6.61
CA ASP A 226 16.10 -3.44 6.58
C ASP A 226 14.71 -3.88 6.13
N ILE A 227 14.66 -4.64 5.04
CA ILE A 227 13.40 -5.11 4.50
C ILE A 227 12.65 -5.91 5.56
N LYS A 228 13.35 -6.86 6.20
CA LYS A 228 12.70 -7.74 7.18
C LYS A 228 12.14 -6.92 8.35
N GLU A 229 12.91 -5.91 8.77
CA GLU A 229 12.47 -5.02 9.85
C GLU A 229 11.17 -4.31 9.47
N ILE A 230 11.09 -3.80 8.25
CA ILE A 230 9.94 -3.01 7.81
C ILE A 230 8.71 -3.92 7.66
N VAL A 231 8.91 -5.12 7.09
CA VAL A 231 7.83 -6.10 6.99
C VAL A 231 7.24 -6.40 8.37
N ALA A 232 8.10 -6.64 9.37
CA ALA A 232 7.68 -7.00 10.70
C ALA A 232 6.91 -5.84 11.33
N TYR A 233 7.39 -4.61 11.08
CA TYR A 233 6.79 -3.42 11.66
C TYR A 233 5.37 -3.25 11.12
N ALA A 234 5.22 -3.45 9.81
CA ALA A 234 3.92 -3.30 9.17
C ALA A 234 2.95 -4.41 9.63
N LYS A 235 3.47 -5.64 9.81
CA LYS A 235 2.59 -6.76 10.18
C LYS A 235 1.87 -6.50 11.51
N LYS A 236 2.57 -5.86 12.46
CA LYS A 236 2.00 -5.53 13.76
C LYS A 236 0.79 -4.60 13.64
N LYS A 237 0.69 -3.89 12.52
CA LYS A 237 -0.43 -3.01 12.23
C LYS A 237 -1.34 -3.56 11.12
N PHE A 238 -1.24 -4.87 10.85
CA PHE A 238 -2.09 -5.58 9.89
C PHE A 238 -1.98 -4.96 8.51
N ILE A 239 -0.73 -4.53 8.20
CA ILE A 239 -0.35 -4.06 6.87
C ILE A 239 0.57 -5.10 6.26
N GLU A 240 0.13 -5.65 5.14
CA GLU A 240 0.97 -6.58 4.35
C GLU A 240 1.68 -5.78 3.26
N ILE A 241 2.91 -6.19 2.90
CA ILE A 241 3.72 -5.49 1.93
C ILE A 241 3.80 -6.32 0.66
N ILE A 242 3.50 -5.63 -0.46
CA ILE A 242 3.65 -6.17 -1.81
C ILE A 242 4.85 -5.52 -2.44
N PRO A 243 5.93 -6.30 -2.76
CA PRO A 243 7.06 -5.73 -3.47
C PRO A 243 6.69 -5.63 -4.93
N GLU A 244 7.13 -4.56 -5.58
CA GLU A 244 7.08 -4.47 -7.02
C GLU A 244 8.51 -4.39 -7.55
N ILE A 245 8.86 -5.41 -8.36
CA ILE A 245 10.02 -5.40 -9.22
C ILE A 245 9.44 -5.16 -10.61
N ASP A 246 9.51 -3.93 -11.11
CA ASP A 246 8.80 -3.56 -12.31
C ASP A 246 9.64 -4.02 -13.48
N ILE A 247 9.16 -5.06 -14.21
CA ILE A 247 9.93 -5.58 -15.32
C ILE A 247 8.94 -5.92 -16.44
N PRO A 248 9.38 -5.99 -17.71
CA PRO A 248 10.75 -5.63 -18.15
C PRO A 248 10.99 -4.20 -18.59
N GLY A 249 9.94 -3.39 -18.42
CA GLY A 249 10.11 -1.96 -18.59
C GLY A 249 10.50 -1.29 -17.29
N HIS A 250 10.71 0.05 -17.32
CA HIS A 250 11.02 0.75 -16.09
C HIS A 250 12.22 0.08 -15.41
N SER A 251 13.14 -0.45 -16.23
CA SER A 251 14.25 -1.29 -15.74
C SER A 251 15.63 -0.73 -16.10
N GLN A 252 15.77 0.57 -16.39
CA GLN A 252 17.05 1.07 -16.88
C GLN A 252 18.13 0.95 -15.80
N ALA A 253 17.77 1.06 -14.49
CA ALA A 253 18.80 0.94 -13.47
C ALA A 253 19.36 -0.48 -13.43
N ALA A 254 18.47 -1.47 -13.49
CA ALA A 254 18.91 -2.88 -13.59
C ALA A 254 19.80 -3.09 -14.83
N VAL A 255 19.37 -2.58 -15.99
CA VAL A 255 20.12 -2.70 -17.23
C VAL A 255 21.51 -2.08 -17.09
N ALA A 256 21.60 -0.94 -16.39
CA ALA A 256 22.87 -0.30 -16.14
C ALA A 256 23.77 -1.15 -15.23
N ALA A 257 23.16 -1.91 -14.30
CA ALA A 257 23.93 -2.77 -13.40
C ALA A 257 24.51 -3.98 -14.12
N TYR A 258 23.72 -4.61 -15.02
CA TYR A 258 24.06 -5.87 -15.67
C TYR A 258 23.76 -5.77 -17.18
N PRO A 259 24.41 -4.83 -17.91
CA PRO A 259 24.07 -4.59 -19.31
C PRO A 259 24.42 -5.75 -20.22
N GLU A 260 25.43 -6.54 -19.78
CA GLU A 260 26.02 -7.59 -20.58
C GLU A 260 24.95 -8.63 -20.91
N PHE A 261 23.96 -8.83 -20.03
CA PHE A 261 22.88 -9.75 -20.36
C PHE A 261 21.48 -9.14 -20.23
N LEU A 262 21.31 -7.98 -19.56
CA LEU A 262 19.96 -7.38 -19.51
C LEU A 262 19.68 -6.38 -20.65
N ALA A 263 20.73 -5.80 -21.25
CA ALA A 263 20.54 -4.82 -22.31
C ALA A 263 20.18 -5.49 -23.63
N CYS A 264 19.27 -4.84 -24.35
CA CYS A 264 18.94 -5.22 -25.72
C CYS A 264 20.07 -4.89 -26.69
N ASP A 265 20.82 -3.84 -26.37
CA ASP A 265 21.87 -3.26 -27.19
C ASP A 265 23.09 -3.12 -26.29
N PRO A 266 23.74 -4.23 -25.84
CA PRO A 266 24.87 -4.15 -24.90
C PRO A 266 26.12 -3.42 -25.39
N ARG A 267 26.26 -3.24 -26.71
CA ARG A 267 27.38 -2.47 -27.26
C ARG A 267 27.20 -0.95 -26.99
N ASP A 268 25.96 -0.47 -26.78
CA ASP A 268 25.71 0.94 -26.44
C ASP A 268 25.88 1.19 -24.94
N LYS A 269 25.90 2.48 -24.54
CA LYS A 269 26.02 2.88 -23.14
C LYS A 269 24.71 2.68 -22.38
N HIS A 270 24.86 2.30 -21.11
CA HIS A 270 23.76 2.05 -20.18
C HIS A 270 24.12 2.64 -18.83
N GLU A 271 23.32 3.62 -18.41
CA GLU A 271 23.53 4.35 -17.17
C GLU A 271 22.17 4.42 -16.47
N VAL A 272 22.22 4.62 -15.14
CA VAL A 272 21.00 4.92 -14.41
C VAL A 272 20.46 6.21 -14.97
N TRP A 273 19.15 6.24 -15.24
CA TRP A 273 18.57 7.40 -15.92
C TRP A 273 18.45 8.57 -14.93
N LEU A 274 18.80 9.76 -15.41
CA LEU A 274 18.72 11.01 -14.62
C LEU A 274 17.54 11.87 -15.07
N GLN A 275 16.73 11.34 -16.00
CA GLN A 275 15.59 12.02 -16.57
C GLN A 275 14.28 11.44 -16.04
N GLN A 276 13.22 12.28 -16.14
CA GLN A 276 11.84 11.89 -16.02
C GLN A 276 11.32 11.44 -17.39
N GLY A 277 10.37 10.49 -17.40
CA GLY A 277 9.75 10.05 -18.64
C GLY A 277 9.65 8.54 -18.73
N ILE A 278 9.55 8.08 -19.98
CA ILE A 278 9.44 6.66 -20.30
C ILE A 278 10.72 6.26 -21.05
N SER A 279 11.40 5.25 -20.49
CA SER A 279 12.64 4.72 -21.07
C SER A 279 12.36 3.60 -22.09
N THR A 280 13.11 3.60 -23.20
CA THR A 280 13.08 2.47 -24.14
C THR A 280 14.13 1.42 -23.78
N ASP A 281 14.93 1.69 -22.75
CA ASP A 281 16.03 0.81 -22.36
C ASP A 281 15.48 -0.30 -21.45
N VAL A 282 14.79 -1.26 -22.11
CA VAL A 282 14.01 -2.29 -21.42
C VAL A 282 14.89 -3.55 -21.33
N ILE A 283 14.49 -4.49 -20.46
CA ILE A 283 15.22 -5.73 -20.31
C ILE A 283 15.08 -6.58 -21.58
N ASN A 284 16.19 -7.21 -22.01
CA ASN A 284 16.20 -8.16 -23.12
C ASN A 284 15.63 -9.50 -22.64
N VAL A 285 14.32 -9.67 -22.83
CA VAL A 285 13.58 -10.79 -22.28
C VAL A 285 13.99 -12.10 -22.97
N ALA A 286 14.69 -12.01 -24.11
CA ALA A 286 15.02 -13.22 -24.85
C ALA A 286 16.36 -13.76 -24.40
N ASN A 287 17.13 -12.97 -23.62
CA ASN A 287 18.43 -13.41 -23.15
C ASN A 287 18.25 -14.45 -22.05
N PRO A 288 18.80 -15.69 -22.15
CA PRO A 288 18.62 -16.66 -21.08
C PRO A 288 19.09 -16.20 -19.70
N LYS A 289 20.14 -15.37 -19.63
CA LYS A 289 20.63 -14.88 -18.34
C LYS A 289 19.63 -13.87 -17.74
N ALA A 290 18.85 -13.17 -18.59
CA ALA A 290 17.81 -12.25 -18.12
C ALA A 290 16.67 -13.03 -17.46
N MET A 291 16.33 -14.17 -18.05
CA MET A 291 15.32 -15.07 -17.54
C MET A 291 15.76 -15.60 -16.16
N GLN A 292 17.03 -16.06 -16.04
CA GLN A 292 17.56 -16.58 -14.78
C GLN A 292 17.57 -15.49 -13.71
N PHE A 293 18.03 -14.28 -14.09
CA PHE A 293 18.06 -13.10 -13.23
C PHE A 293 16.68 -12.89 -12.61
N ALA A 294 15.62 -12.86 -13.43
CA ALA A 294 14.27 -12.60 -12.93
C ALA A 294 13.80 -13.69 -11.95
N LYS A 295 14.12 -14.95 -12.25
CA LYS A 295 13.79 -16.07 -11.38
C LYS A 295 14.49 -15.93 -10.02
N GLU A 296 15.78 -15.56 -10.08
CA GLU A 296 16.62 -15.46 -8.90
C GLU A 296 16.21 -14.26 -8.04
N VAL A 297 15.76 -13.17 -8.67
CA VAL A 297 15.27 -12.03 -7.88
C VAL A 297 13.99 -12.45 -7.17
N ILE A 298 13.07 -13.09 -7.89
CA ILE A 298 11.82 -13.57 -7.32
C ILE A 298 12.10 -14.50 -6.12
N ASP A 299 13.14 -15.34 -6.24
CA ASP A 299 13.46 -16.28 -5.17
C ASP A 299 13.79 -15.54 -3.89
N GLU A 300 14.60 -14.47 -4.03
CA GLU A 300 15.01 -13.69 -2.87
C GLU A 300 13.83 -12.90 -2.31
N LEU A 301 12.93 -12.37 -3.17
CA LEU A 301 11.72 -11.71 -2.70
C LEU A 301 10.87 -12.67 -1.84
N THR A 302 10.83 -13.95 -2.24
CA THR A 302 9.97 -14.91 -1.59
C THR A 302 10.43 -15.09 -0.13
N GLU A 303 11.74 -15.00 0.13
CA GLU A 303 12.31 -15.13 1.48
C GLU A 303 12.10 -13.88 2.35
N LEU A 304 11.89 -12.70 1.73
CA LEU A 304 11.82 -11.44 2.46
C LEU A 304 10.38 -10.98 2.70
N PHE A 305 9.50 -11.26 1.73
CA PHE A 305 8.13 -10.82 1.72
C PHE A 305 7.21 -12.03 1.87
N PRO A 306 6.59 -12.23 3.05
CA PRO A 306 5.69 -13.38 3.26
C PRO A 306 4.30 -13.29 2.64
N PHE A 307 3.86 -12.08 2.27
CA PHE A 307 2.57 -11.93 1.66
C PHE A 307 2.52 -12.66 0.32
N ASN A 308 1.32 -13.13 -0.05
CA ASN A 308 1.17 -14.10 -1.12
CA ASN A 308 1.16 -14.09 -1.12
C ASN A 308 1.21 -13.47 -2.52
N TYR A 309 1.46 -12.15 -2.65
CA TYR A 309 1.49 -11.49 -3.94
C TYR A 309 2.83 -10.79 -4.17
N ILE A 310 3.25 -10.80 -5.45
CA ILE A 310 4.34 -10.01 -5.99
C ILE A 310 3.80 -9.23 -7.18
N HIS A 311 4.25 -7.98 -7.29
CA HIS A 311 3.89 -7.11 -8.39
C HIS A 311 5.07 -7.10 -9.35
N LEU A 312 4.83 -7.50 -10.63
CA LEU A 312 5.88 -7.47 -11.64
C LEU A 312 5.76 -6.27 -12.59
N GLY A 313 4.82 -5.37 -12.28
CA GLY A 313 4.78 -4.12 -13.03
C GLY A 313 4.20 -4.30 -14.44
N GLY A 314 5.03 -3.97 -15.44
CA GLY A 314 4.72 -4.16 -16.84
C GLY A 314 4.10 -2.92 -17.50
N ASP A 315 4.09 -1.79 -16.76
CA ASP A 315 3.61 -0.52 -17.33
C ASP A 315 4.61 0.01 -18.38
N GLU A 316 4.12 0.81 -19.34
CA GLU A 316 4.95 1.71 -20.16
C GLU A 316 6.24 1.04 -20.63
N CYS A 317 6.04 -0.10 -21.33
CA CYS A 317 7.16 -0.92 -21.81
C CYS A 317 7.23 -0.88 -23.32
N PRO A 318 8.01 0.06 -23.91
CA PRO A 318 8.18 0.11 -25.36
C PRO A 318 8.84 -1.18 -25.92
N THR A 319 8.32 -1.67 -27.05
CA THR A 319 8.86 -2.88 -27.65
C THR A 319 9.96 -2.59 -28.67
N ARG A 320 10.29 -1.33 -28.97
CA ARG A 320 11.13 -1.05 -30.13
C ARG A 320 12.51 -1.70 -30.01
N LYS A 321 13.11 -1.74 -28.80
CA LYS A 321 14.44 -2.32 -28.71
C LYS A 321 14.38 -3.83 -28.92
N TRP A 322 13.24 -4.47 -28.62
CA TRP A 322 13.10 -5.90 -28.91
C TRP A 322 13.03 -6.10 -30.44
N GLN A 323 12.35 -5.20 -31.14
CA GLN A 323 12.20 -5.28 -32.59
C GLN A 323 13.55 -5.25 -33.29
N LYS A 324 14.56 -4.65 -32.65
CA LYS A 324 15.88 -4.43 -33.23
C LYS A 324 16.92 -5.44 -32.72
N ASN A 325 16.51 -6.35 -31.83
CA ASN A 325 17.40 -7.33 -31.19
C ASN A 325 17.20 -8.72 -31.84
N ASP A 326 18.32 -9.37 -32.22
CA ASP A 326 18.30 -10.61 -32.95
C ASP A 326 17.71 -11.77 -32.12
N GLU A 327 18.08 -11.83 -30.83
CA GLU A 327 17.60 -12.85 -29.88
C GLU A 327 16.08 -12.73 -29.76
N CYS A 328 15.57 -11.49 -29.70
CA CYS A 328 14.15 -11.22 -29.53
C CYS A 328 13.40 -11.56 -30.82
N LYS A 329 13.96 -11.20 -31.97
CA LYS A 329 13.30 -11.50 -33.23
C LYS A 329 13.16 -13.02 -33.41
N LYS A 330 14.21 -13.74 -33.01
CA LYS A 330 14.23 -15.19 -33.15
C LYS A 330 13.21 -15.81 -32.18
N LEU A 331 13.19 -15.33 -30.93
CA LEU A 331 12.23 -15.87 -29.97
C LEU A 331 10.81 -15.60 -30.46
N LEU A 332 10.55 -14.40 -30.98
CA LEU A 332 9.22 -14.10 -31.44
C LEU A 332 8.84 -15.08 -32.55
N SER A 333 9.74 -15.31 -33.49
CA SER A 333 9.47 -16.28 -34.55
C SER A 333 9.17 -17.68 -33.98
N GLU A 334 9.87 -18.05 -32.90
CA GLU A 334 9.75 -19.38 -32.32
C GLU A 334 8.44 -19.55 -31.54
N ILE A 335 7.87 -18.45 -31.03
CA ILE A 335 6.57 -18.53 -30.39
C ILE A 335 5.47 -18.31 -31.43
N GLY A 336 5.88 -18.25 -32.71
CA GLY A 336 4.94 -18.22 -33.82
C GLY A 336 4.18 -16.91 -33.95
N SER A 337 4.81 -15.79 -33.57
CA SER A 337 4.12 -14.51 -33.51
C SER A 337 4.81 -13.46 -34.37
N SER A 338 4.06 -12.42 -34.75
CA SER A 338 4.66 -11.25 -35.39
C SER A 338 4.39 -9.99 -34.55
N ASN A 339 3.86 -10.16 -33.33
CA ASN A 339 3.57 -9.06 -32.44
C ASN A 339 4.54 -9.05 -31.25
N PHE A 340 5.43 -8.05 -31.17
CA PHE A 340 6.51 -8.05 -30.16
C PHE A 340 5.98 -7.90 -28.73
N ARG A 341 4.75 -7.37 -28.54
CA ARG A 341 4.14 -7.34 -27.22
C ARG A 341 4.08 -8.74 -26.58
N ASP A 342 3.88 -9.76 -27.43
CA ASP A 342 3.80 -11.15 -26.99
C ASP A 342 5.06 -11.57 -26.22
N LEU A 343 6.22 -10.95 -26.50
CA LEU A 343 7.43 -11.31 -25.76
C LEU A 343 7.29 -10.95 -24.28
N GLN A 344 6.60 -9.83 -23.99
CA GLN A 344 6.38 -9.45 -22.60
C GLN A 344 5.57 -10.53 -21.88
N ILE A 345 4.51 -11.00 -22.55
CA ILE A 345 3.63 -12.00 -21.94
C ILE A 345 4.38 -13.33 -21.78
N TYR A 346 5.16 -13.72 -22.79
CA TYR A 346 5.92 -14.97 -22.70
C TYR A 346 6.89 -14.95 -21.53
N PHE A 347 7.55 -13.81 -21.33
CA PHE A 347 8.48 -13.60 -20.24
C PHE A 347 7.77 -13.86 -18.92
N TYR A 348 6.56 -13.29 -18.78
CA TYR A 348 5.79 -13.50 -17.57
C TYR A 348 5.38 -14.96 -17.41
N LYS A 349 4.98 -15.60 -18.52
CA LYS A 349 4.57 -17.00 -18.50
C LYS A 349 5.69 -17.88 -17.96
N GLN A 350 6.91 -17.64 -18.40
CA GLN A 350 8.05 -18.38 -17.88
C GLN A 350 8.17 -18.25 -16.36
N LEU A 351 8.01 -17.03 -15.85
CA LEU A 351 8.13 -16.78 -14.41
C LEU A 351 6.98 -17.40 -13.63
N LYS A 352 5.76 -17.30 -14.19
CA LYS A 352 4.57 -17.84 -13.55
C LYS A 352 4.70 -19.36 -13.45
N ASP A 353 5.15 -19.98 -14.55
CA ASP A 353 5.41 -21.42 -14.55
C ASP A 353 6.43 -21.78 -13.49
N TYR A 354 7.53 -21.01 -13.47
CA TYR A 354 8.61 -21.26 -12.52
C TYR A 354 8.07 -21.26 -11.09
N ILE A 355 7.28 -20.22 -10.74
CA ILE A 355 6.68 -20.14 -9.43
C ILE A 355 5.82 -21.38 -9.16
N ALA A 356 5.05 -21.84 -10.15
CA ALA A 356 4.20 -23.02 -9.97
C ALA A 356 5.01 -24.31 -9.68
N THR A 357 6.33 -24.35 -10.00
CA THR A 357 7.14 -25.54 -9.69
C THR A 357 7.54 -25.62 -8.20
N LYS A 358 7.35 -24.51 -7.49
CA LYS A 358 7.81 -24.42 -6.11
C LYS A 358 6.80 -25.04 -5.15
N PRO A 359 7.21 -25.41 -3.93
CA PRO A 359 6.28 -25.82 -2.88
C PRO A 359 5.22 -24.75 -2.67
N ALA A 360 4.02 -25.19 -2.28
CA ALA A 360 2.85 -24.31 -2.13
C ALA A 360 3.19 -23.04 -1.34
N ASP A 361 3.90 -23.14 -0.20
CA ASP A 361 4.09 -21.97 0.66
C ASP A 361 5.11 -20.97 0.08
N GLN A 362 5.81 -21.35 -1.00
CA GLN A 362 6.73 -20.48 -1.70
C GLN A 362 6.10 -19.87 -2.96
N GLN A 363 4.86 -20.26 -3.29
CA GLN A 363 4.23 -19.76 -4.48
C GLN A 363 3.70 -18.36 -4.19
N ARG A 364 3.64 -17.55 -5.24
CA ARG A 364 3.12 -16.19 -5.16
C ARG A 364 2.18 -15.97 -6.31
N GLN A 365 1.16 -15.13 -6.06
CA GLN A 365 0.31 -14.67 -7.13
C GLN A 365 0.87 -13.35 -7.66
N LEU A 366 0.62 -13.09 -8.94
CA LEU A 366 1.21 -11.96 -9.65
C LEU A 366 0.17 -10.88 -9.90
N ILE A 367 0.69 -9.64 -9.74
CA ILE A 367 -0.05 -8.44 -10.06
C ILE A 367 0.68 -7.71 -11.17
N PHE A 368 -0.09 -7.11 -12.10
CA PHE A 368 0.47 -6.32 -13.19
C PHE A 368 -0.29 -5.01 -13.32
N TRP A 369 0.39 -3.98 -13.84
CA TRP A 369 -0.32 -2.79 -14.32
C TRP A 369 -1.16 -3.14 -15.54
N ASN A 370 -2.24 -2.39 -15.81
CA ASN A 370 -3.23 -2.82 -16.77
C ASN A 370 -2.77 -2.80 -18.23
N GLU A 371 -1.67 -2.13 -18.57
CA GLU A 371 -1.14 -2.26 -19.94
C GLU A 371 -0.92 -3.72 -20.33
N VAL A 372 -0.63 -4.59 -19.35
CA VAL A 372 -0.39 -5.99 -19.68
C VAL A 372 -1.62 -6.63 -20.32
N LEU A 373 -2.82 -6.15 -19.96
CA LEU A 373 -4.08 -6.68 -20.46
C LEU A 373 -4.26 -6.36 -21.95
N HIS A 374 -3.50 -5.39 -22.47
CA HIS A 374 -3.53 -5.04 -23.89
C HIS A 374 -2.92 -6.16 -24.73
N GLY A 375 -2.02 -6.95 -24.14
CA GLY A 375 -1.45 -8.11 -24.83
C GLY A 375 -2.43 -9.28 -24.89
N ASN A 376 -2.01 -10.35 -25.62
CA ASN A 376 -2.72 -11.63 -25.60
C ASN A 376 -2.29 -12.38 -24.34
N THR A 377 -3.11 -12.27 -23.27
CA THR A 377 -2.73 -12.77 -21.96
C THR A 377 -3.24 -14.19 -21.73
N SER A 378 -3.80 -14.85 -22.75
CA SER A 378 -4.47 -16.13 -22.56
C SER A 378 -3.53 -17.14 -21.92
N ILE A 379 -2.23 -17.09 -22.23
CA ILE A 379 -1.31 -18.09 -21.70
C ILE A 379 -1.15 -17.94 -20.19
N LEU A 380 -1.39 -16.73 -19.66
CA LEU A 380 -1.25 -16.50 -18.24
C LEU A 380 -2.44 -16.99 -17.45
N GLY A 381 -3.54 -17.34 -18.14
CA GLY A 381 -4.77 -17.73 -17.48
C GLY A 381 -5.41 -16.55 -16.77
N ASN A 382 -6.26 -16.82 -15.76
CA ASN A 382 -6.99 -15.74 -15.13
C ASN A 382 -6.70 -15.67 -13.63
N ASP A 383 -5.62 -16.31 -13.18
CA ASP A 383 -5.18 -16.23 -11.79
C ASP A 383 -4.05 -15.21 -11.69
N ILE A 384 -4.23 -14.10 -12.39
CA ILE A 384 -3.41 -12.91 -12.24
C ILE A 384 -4.36 -11.79 -11.81
N THR A 385 -3.76 -10.72 -11.28
CA THR A 385 -4.48 -9.54 -10.76
C THR A 385 -4.04 -8.32 -11.53
N ILE A 386 -5.04 -7.53 -11.97
CA ILE A 386 -4.78 -6.34 -12.76
C ILE A 386 -4.99 -5.08 -11.91
N MET A 387 -3.90 -4.32 -11.81
CA MET A 387 -3.92 -3.03 -11.14
C MET A 387 -4.23 -1.96 -12.20
N ALA A 388 -5.46 -1.46 -12.14
CA ALA A 388 -6.08 -0.63 -13.17
C ALA A 388 -5.77 0.84 -12.87
N TRP A 389 -4.98 1.47 -13.75
CA TRP A 389 -4.54 2.85 -13.50
C TRP A 389 -4.79 3.81 -14.67
N ILE A 390 -4.70 3.32 -15.91
CA ILE A 390 -4.80 4.12 -17.12
C ILE A 390 -6.03 3.60 -17.86
N GLY A 391 -7.01 4.46 -18.15
CA GLY A 391 -8.31 3.96 -18.53
C GLY A 391 -8.83 2.97 -17.49
N ALA A 392 -8.67 3.33 -16.20
CA ALA A 392 -8.84 2.38 -15.11
C ALA A 392 -10.23 1.74 -15.06
N ASN A 393 -11.29 2.53 -15.15
CA ASN A 393 -12.61 1.98 -14.95
C ASN A 393 -12.85 0.90 -16.01
N ALA A 394 -12.45 1.20 -17.27
CA ALA A 394 -12.67 0.27 -18.38
C ALA A 394 -11.77 -0.97 -18.25
N ALA A 395 -10.55 -0.75 -17.75
CA ALA A 395 -9.60 -1.86 -17.60
C ALA A 395 -10.04 -2.83 -16.51
N ALA A 396 -10.52 -2.30 -15.38
CA ALA A 396 -11.05 -3.10 -14.29
C ALA A 396 -12.23 -3.96 -14.76
N LYS A 397 -13.12 -3.36 -15.55
CA LYS A 397 -14.28 -4.07 -16.09
C LYS A 397 -13.81 -5.18 -17.04
N GLN A 398 -12.84 -4.90 -17.91
CA GLN A 398 -12.31 -5.91 -18.81
CA GLN A 398 -12.24 -5.88 -18.82
C GLN A 398 -11.65 -7.03 -18.02
N ALA A 399 -10.87 -6.71 -16.97
CA ALA A 399 -10.25 -7.71 -16.11
C ALA A 399 -11.30 -8.63 -15.47
N ALA A 400 -12.35 -8.02 -14.88
CA ALA A 400 -13.42 -8.74 -14.22
C ALA A 400 -14.14 -9.68 -15.20
N LYS A 401 -14.37 -9.18 -16.42
CA LYS A 401 -15.02 -9.97 -17.47
C LYS A 401 -14.17 -11.18 -17.88
N GLN A 402 -12.84 -11.11 -17.73
CA GLN A 402 -11.96 -12.21 -18.07
C GLN A 402 -11.73 -13.10 -16.84
N GLY A 403 -12.42 -12.80 -15.73
CA GLY A 403 -12.30 -13.61 -14.52
C GLY A 403 -11.05 -13.31 -13.70
N MET A 404 -10.45 -12.13 -13.93
CA MET A 404 -9.29 -11.65 -13.19
C MET A 404 -9.69 -10.67 -12.08
N ASN A 405 -9.09 -10.85 -10.90
CA ASN A 405 -9.21 -9.86 -9.84
C ASN A 405 -8.59 -8.54 -10.29
N THR A 406 -9.11 -7.43 -9.75
CA THR A 406 -8.64 -6.12 -10.15
C THR A 406 -8.62 -5.21 -8.92
N ILE A 407 -7.67 -4.29 -8.96
CA ILE A 407 -7.46 -3.27 -7.93
C ILE A 407 -7.51 -1.92 -8.66
N LEU A 408 -8.32 -0.97 -8.16
CA LEU A 408 -8.45 0.34 -8.78
C LEU A 408 -7.48 1.36 -8.19
N SER A 409 -6.57 1.86 -9.03
CA SER A 409 -5.66 2.96 -8.66
C SER A 409 -5.63 3.95 -9.80
N PRO A 410 -6.79 4.60 -10.13
CA PRO A 410 -6.82 5.52 -11.25
C PRO A 410 -5.93 6.75 -11.03
N GLN A 411 -5.22 7.13 -12.08
CA GLN A 411 -4.35 8.29 -12.05
C GLN A 411 -5.13 9.49 -11.50
N ILE A 412 -6.30 9.72 -12.10
CA ILE A 412 -7.21 10.75 -11.58
C ILE A 412 -8.33 10.03 -10.86
N PRO A 413 -8.57 10.21 -9.53
CA PRO A 413 -7.85 11.13 -8.65
C PRO A 413 -6.97 10.51 -7.56
N TYR A 414 -6.52 9.25 -7.77
CA TYR A 414 -5.85 8.53 -6.70
C TYR A 414 -4.31 8.60 -6.74
N TYR A 415 -3.72 9.35 -7.67
CA TYR A 415 -2.29 9.64 -7.62
C TYR A 415 -2.10 10.86 -6.72
N ILE A 416 -1.81 10.62 -5.44
CA ILE A 416 -1.83 11.68 -4.43
C ILE A 416 -0.46 12.36 -4.27
N ASN A 417 0.46 12.12 -5.19
CA ASN A 417 1.60 12.98 -5.44
C ASN A 417 1.18 14.24 -6.22
N ARG A 418 0.03 14.18 -6.89
CA ARG A 418 -0.38 15.30 -7.73
C ARG A 418 -0.78 16.49 -6.84
N LYS A 419 -0.71 17.69 -7.41
CA LYS A 419 -1.06 18.88 -6.64
C LYS A 419 -2.47 18.78 -6.07
N GLN A 420 -2.65 19.27 -4.83
CA GLN A 420 -3.95 19.22 -4.18
C GLN A 420 -4.62 20.61 -4.10
N SER A 421 -4.01 21.62 -4.73
CA SER A 421 -4.51 23.01 -4.75
C SER A 421 -3.84 23.74 -5.91
N LYS A 422 -4.56 24.73 -6.47
CA LYS A 422 -4.05 25.60 -7.51
C LYS A 422 -3.23 26.75 -6.93
N LEU A 423 -3.10 26.86 -5.60
CA LEU A 423 -2.39 28.03 -5.09
C LEU A 423 -0.97 28.08 -5.66
N PRO A 424 -0.43 29.29 -6.01
CA PRO A 424 0.94 29.35 -6.53
C PRO A 424 2.03 28.96 -5.51
N THR A 425 1.66 28.83 -4.24
CA THR A 425 2.62 28.50 -3.19
C THR A 425 2.78 26.98 -3.00
N GLU A 426 2.03 26.16 -3.74
CA GLU A 426 2.15 24.72 -3.60
C GLU A 426 3.55 24.27 -4.04
N PRO A 427 4.10 23.18 -3.43
CA PRO A 427 5.35 22.60 -3.93
C PRO A 427 5.10 22.09 -5.35
N MET A 428 6.20 21.95 -6.10
CA MET A 428 6.11 21.41 -7.44
C MET A 428 5.80 19.90 -7.38
N SER A 429 4.74 19.53 -8.09
CA SER A 429 4.42 18.14 -8.41
C SER A 429 3.49 18.12 -9.62
N GLN A 430 3.10 16.94 -10.11
CA GLN A 430 2.30 16.83 -11.32
C GLN A 430 0.91 17.40 -11.09
N GLY A 431 0.27 17.88 -12.16
CA GLY A 431 -1.14 18.29 -12.14
C GLY A 431 -1.31 19.81 -12.03
N HIS A 432 -2.55 20.32 -12.15
CA HIS A 432 -2.81 21.75 -11.97
C HIS A 432 -3.23 22.15 -10.55
N GLY A 433 -3.69 21.16 -9.80
CA GLY A 433 -4.28 21.42 -8.50
C GLY A 433 -5.75 21.03 -8.46
N THR A 434 -6.21 20.18 -9.42
CA THR A 434 -7.58 19.71 -9.43
C THR A 434 -7.82 18.49 -8.52
N GLU A 435 -6.75 17.85 -8.04
CA GLU A 435 -6.90 16.64 -7.24
C GLU A 435 -6.96 17.06 -5.78
N THR A 436 -8.03 17.82 -5.47
CA THR A 436 -8.30 18.28 -4.12
C THR A 436 -8.76 17.12 -3.24
N VAL A 437 -8.84 17.32 -1.93
CA VAL A 437 -9.41 16.30 -1.06
C VAL A 437 -10.80 15.88 -1.56
N GLU A 438 -11.63 16.87 -1.90
CA GLU A 438 -12.98 16.62 -2.36
C GLU A 438 -12.97 15.75 -3.63
N ALA A 439 -12.12 16.10 -4.59
CA ALA A 439 -12.01 15.35 -5.83
C ALA A 439 -11.63 13.88 -5.55
N VAL A 440 -10.71 13.66 -4.59
CA VAL A 440 -10.35 12.29 -4.25
C VAL A 440 -11.54 11.56 -3.64
N TYR A 441 -12.21 12.21 -2.67
CA TYR A 441 -13.30 11.57 -1.94
C TYR A 441 -14.45 11.20 -2.89
N ASN A 442 -14.66 12.04 -3.92
CA ASN A 442 -15.87 11.95 -4.71
C ASN A 442 -15.79 10.81 -5.74
N TYR A 443 -14.61 10.18 -5.93
CA TYR A 443 -14.51 9.05 -6.84
C TYR A 443 -15.28 7.87 -6.25
N GLN A 444 -16.18 7.27 -7.05
CA GLN A 444 -17.02 6.16 -6.63
C GLN A 444 -16.56 4.89 -7.34
N PRO A 445 -15.77 4.00 -6.67
CA PRO A 445 -15.15 2.89 -7.38
C PRO A 445 -16.11 1.92 -8.09
N LEU A 446 -17.30 1.66 -7.53
CA LEU A 446 -18.20 0.67 -8.13
C LEU A 446 -19.41 1.32 -8.83
N LYS A 447 -19.30 2.59 -9.19
CA LYS A 447 -20.43 3.26 -9.84
C LYS A 447 -20.67 2.57 -11.18
N ASP A 448 -21.92 2.12 -11.39
CA ASP A 448 -22.35 1.50 -12.64
C ASP A 448 -21.58 0.23 -12.96
N VAL A 449 -21.02 -0.46 -11.94
CA VAL A 449 -20.37 -1.75 -12.17
C VAL A 449 -21.42 -2.84 -11.93
N ASP A 450 -21.66 -3.70 -12.96
CA ASP A 450 -22.63 -4.79 -12.87
C ASP A 450 -22.33 -5.66 -11.65
N ALA A 451 -23.40 -6.10 -10.98
CA ALA A 451 -23.31 -6.94 -9.80
C ALA A 451 -22.45 -8.17 -10.05
N ALA A 452 -22.52 -8.73 -11.27
CA ALA A 452 -21.83 -9.99 -11.56
C ALA A 452 -20.31 -9.81 -11.64
N LEU A 453 -19.84 -8.57 -11.88
CA LEU A 453 -18.42 -8.27 -11.99
C LEU A 453 -17.85 -7.83 -10.65
N GLN A 454 -18.70 -7.32 -9.75
CA GLN A 454 -18.24 -6.71 -8.50
C GLN A 454 -17.37 -7.65 -7.66
N PRO A 455 -17.60 -9.01 -7.59
CA PRO A 455 -16.72 -9.87 -6.77
C PRO A 455 -15.22 -9.82 -7.12
N TYR A 456 -14.92 -9.43 -8.35
CA TYR A 456 -13.55 -9.35 -8.84
C TYR A 456 -12.85 -8.04 -8.45
N TYR A 457 -13.65 -7.08 -7.93
CA TYR A 457 -13.08 -5.80 -7.53
C TYR A 457 -12.60 -5.89 -6.08
N LYS A 458 -11.29 -6.12 -5.94
CA LYS A 458 -10.71 -6.41 -4.65
C LYS A 458 -10.51 -5.15 -3.82
N GLY A 459 -10.43 -3.99 -4.49
CA GLY A 459 -10.31 -2.78 -3.72
C GLY A 459 -9.66 -1.65 -4.48
N VAL A 460 -9.08 -0.75 -3.69
CA VAL A 460 -8.63 0.56 -4.16
C VAL A 460 -7.24 0.84 -3.59
N GLN A 461 -6.52 1.75 -4.26
CA GLN A 461 -5.21 2.12 -3.80
C GLN A 461 -4.90 3.54 -4.26
N ALA A 462 -4.26 4.29 -3.36
CA ALA A 462 -3.63 5.56 -3.70
C ALA A 462 -2.17 5.28 -4.06
N ASN A 463 -1.66 5.88 -5.11
CA ASN A 463 -0.28 5.73 -5.54
C ASN A 463 0.44 7.06 -5.41
N PHE A 464 1.74 6.99 -5.09
CA PHE A 464 2.55 8.19 -4.90
C PHE A 464 3.85 8.07 -5.70
N TRP A 465 3.90 8.77 -6.83
CA TRP A 465 5.04 8.80 -7.74
C TRP A 465 5.97 9.96 -7.37
N THR A 466 7.29 9.74 -7.38
CA THR A 466 8.20 10.68 -6.74
C THR A 466 9.19 11.35 -7.72
N GLU A 467 8.80 11.52 -9.00
CA GLU A 467 9.64 12.29 -9.92
C GLU A 467 10.10 13.63 -9.33
N TRP A 468 9.15 14.35 -8.70
CA TRP A 468 9.36 15.72 -8.22
C TRP A 468 9.64 15.81 -6.72
N VAL A 469 9.30 14.77 -5.96
CA VAL A 469 9.26 14.82 -4.51
C VAL A 469 10.52 14.18 -3.95
N THR A 470 11.30 14.94 -3.18
CA THR A 470 12.60 14.46 -2.72
C THR A 470 12.71 14.44 -1.19
N GLU A 471 11.83 15.20 -0.51
CA GLU A 471 11.98 15.41 0.93
C GLU A 471 10.75 14.89 1.67
N PRO A 472 10.96 14.30 2.87
CA PRO A 472 9.86 13.74 3.66
C PRO A 472 8.75 14.75 3.96
N SER A 473 9.12 16.02 4.22
CA SER A 473 8.10 17.01 4.52
C SER A 473 7.10 17.16 3.39
N VAL A 474 7.62 17.13 2.14
CA VAL A 474 6.78 17.31 0.96
C VAL A 474 5.95 16.04 0.70
N LEU A 475 6.57 14.85 0.90
CA LEU A 475 5.84 13.58 0.79
C LEU A 475 4.61 13.59 1.70
N GLU A 476 4.81 14.03 2.95
CA GLU A 476 3.72 14.01 3.92
C GLU A 476 2.68 15.09 3.59
N TYR A 477 3.17 16.27 3.18
CA TYR A 477 2.27 17.34 2.78
C TYR A 477 1.28 16.90 1.70
N LEU A 478 1.79 16.11 0.75
CA LEU A 478 1.00 15.65 -0.39
C LEU A 478 0.15 14.44 -0.01
N MET A 479 0.71 13.54 0.84
CA MET A 479 -0.02 12.36 1.26
C MET A 479 -1.29 12.71 2.04
N LEU A 480 -1.17 13.66 2.99
CA LEU A 480 -2.22 13.86 3.98
C LEU A 480 -2.91 15.18 3.70
N PRO A 481 -4.26 15.25 3.82
CA PRO A 481 -5.16 14.19 4.26
C PRO A 481 -5.81 13.32 3.18
N ARG A 482 -5.36 13.47 1.94
CA ARG A 482 -5.94 12.66 0.86
C ARG A 482 -5.83 11.14 1.08
N LEU A 483 -4.76 10.69 1.75
CA LEU A 483 -4.65 9.26 2.04
C LEU A 483 -5.90 8.78 2.74
N ALA A 484 -6.42 9.58 3.70
CA ALA A 484 -7.56 9.17 4.50
C ALA A 484 -8.84 9.07 3.66
N ALA A 485 -8.95 9.91 2.63
CA ALA A 485 -10.11 9.86 1.75
C ALA A 485 -10.13 8.52 0.98
N VAL A 486 -8.94 8.11 0.47
CA VAL A 486 -8.85 6.82 -0.20
C VAL A 486 -9.10 5.68 0.79
N ALA A 487 -8.54 5.77 2.00
CA ALA A 487 -8.77 4.78 3.05
C ALA A 487 -10.27 4.59 3.32
N GLU A 488 -10.98 5.74 3.44
CA GLU A 488 -12.41 5.69 3.67
C GLU A 488 -13.17 5.12 2.47
N ALA A 489 -12.75 5.46 1.25
CA ALA A 489 -13.34 4.87 0.05
C ALA A 489 -13.19 3.35 0.11
N GLY A 490 -12.03 2.87 0.63
CA GLY A 490 -11.78 1.43 0.68
C GLY A 490 -12.59 0.69 1.74
N TRP A 491 -12.88 1.37 2.85
CA TRP A 491 -13.51 0.81 4.03
C TRP A 491 -15.03 1.03 4.07
N THR A 492 -15.43 2.33 4.02
CA THR A 492 -16.79 2.68 4.36
C THR A 492 -17.75 2.36 3.22
N PRO A 493 -18.92 1.71 3.49
CA PRO A 493 -19.96 1.55 2.47
C PRO A 493 -20.24 2.88 1.77
N GLN A 494 -20.44 2.84 0.46
CA GLN A 494 -20.62 4.04 -0.35
C GLN A 494 -21.80 4.87 0.18
N GLU A 495 -22.86 4.20 0.66
CA GLU A 495 -24.06 4.86 1.17
C GLU A 495 -23.78 5.67 2.46
N LYS A 496 -22.67 5.39 3.15
CA LYS A 496 -22.32 6.05 4.41
C LYS A 496 -21.23 7.11 4.18
N ARG A 497 -20.80 7.27 2.92
CA ARG A 497 -19.78 8.24 2.54
C ARG A 497 -20.44 9.56 2.20
N ASN A 498 -19.81 10.63 2.70
CA ASN A 498 -20.33 12.00 2.59
C ASN A 498 -19.11 12.90 2.80
N TYR A 499 -18.78 13.73 1.82
CA TYR A 499 -17.56 14.54 1.85
C TYR A 499 -17.65 15.61 2.94
N GLU A 500 -18.79 16.31 3.08
CA GLU A 500 -18.86 17.32 4.12
C GLU A 500 -18.68 16.72 5.52
N ASP A 501 -19.22 15.51 5.73
CA ASP A 501 -19.07 14.81 6.98
C ASP A 501 -17.60 14.39 7.18
N PHE A 502 -16.98 13.86 6.12
CA PHE A 502 -15.58 13.47 6.16
C PHE A 502 -14.67 14.66 6.49
N LYS A 503 -15.00 15.82 5.92
CA LYS A 503 -14.24 17.04 6.16
C LYS A 503 -14.25 17.39 7.66
N GLU A 504 -15.43 17.32 8.29
CA GLU A 504 -15.55 17.63 9.72
C GLU A 504 -14.73 16.65 10.56
N ARG A 505 -14.77 15.36 10.16
CA ARG A 505 -14.05 14.36 10.94
C ARG A 505 -12.54 14.50 10.77
N ILE A 506 -12.09 14.74 9.53
CA ILE A 506 -10.65 14.72 9.25
C ILE A 506 -10.00 15.94 9.90
N ARG A 507 -10.78 17.04 10.05
CA ARG A 507 -10.27 18.21 10.75
C ARG A 507 -9.77 17.85 12.16
N LYS A 508 -10.42 16.88 12.82
CA LYS A 508 -10.01 16.48 14.16
C LYS A 508 -8.63 15.84 14.16
N ASP A 509 -8.15 15.36 13.00
CA ASP A 509 -6.85 14.73 12.95
C ASP A 509 -5.68 15.70 12.78
N ALA A 510 -5.93 16.99 12.54
CA ALA A 510 -4.82 17.93 12.56
C ALA A 510 -4.04 17.78 13.87
N GLU A 511 -4.74 17.62 15.00
CA GLU A 511 -4.11 17.45 16.31
C GLU A 511 -3.20 16.22 16.33
N LEU A 512 -3.69 15.12 15.71
CA LEU A 512 -2.93 13.89 15.66
C LEU A 512 -1.65 14.11 14.83
N TYR A 513 -1.82 14.72 13.66
CA TYR A 513 -0.70 14.99 12.76
C TYR A 513 0.35 15.85 13.47
N ASP A 514 -0.10 16.89 14.17
CA ASP A 514 0.81 17.74 14.88
C ASP A 514 1.55 16.98 15.98
N LEU A 515 0.86 16.10 16.73
CA LEU A 515 1.52 15.35 17.79
C LEU A 515 2.61 14.42 17.23
N LYS A 516 2.41 13.96 15.99
CA LYS A 516 3.37 13.04 15.39
C LYS A 516 4.44 13.79 14.60
N GLY A 517 4.30 15.11 14.45
CA GLY A 517 5.16 15.91 13.61
C GLY A 517 5.07 15.64 12.11
N TRP A 518 3.89 15.21 11.66
CA TRP A 518 3.63 14.96 10.26
C TRP A 518 3.20 16.28 9.60
N ASN A 519 3.69 16.52 8.39
CA ASN A 519 3.19 17.56 7.51
C ASN A 519 1.91 17.05 6.84
N TYR A 520 1.14 18.00 6.28
CA TYR A 520 -0.13 17.72 5.66
C TYR A 520 -0.65 18.99 5.01
N GLY A 521 -1.44 18.83 3.96
CA GLY A 521 -2.04 20.01 3.33
C GLY A 521 -3.10 20.58 4.26
N LYS A 522 -3.17 21.93 4.29
CA LYS A 522 -3.95 22.60 5.32
C LYS A 522 -5.22 23.23 4.70
N HIS A 523 -5.47 22.97 3.42
CA HIS A 523 -6.52 23.66 2.66
C HIS A 523 -7.89 23.47 3.29
N ILE A 524 -8.23 22.24 3.72
CA ILE A 524 -9.56 21.98 4.25
C ILE A 524 -9.62 22.10 5.76
N MET A 525 -8.51 22.50 6.39
CA MET A 525 -8.37 22.40 7.84
C MET A 525 -8.90 23.63 8.59
CL CL B . -18.90 3.23 -5.43
CL CL B . -21.14 2.70 -5.74
#